data_4M5K
#
_entry.id   4M5K
#
_cell.length_a   35.955
_cell.length_b   57.917
_cell.length_c   38.467
_cell.angle_alpha   90.00
_cell.angle_beta   115.41
_cell.angle_gamma   90.00
#
_symmetry.space_group_name_H-M   'P 1 21 1'
#
loop_
_entity.id
_entity.type
_entity.pdbx_description
1 polymer '2-amino-4-hydroxy-6-hydroxymethyldihydropteridine pyrophosphokinase'
2 non-polymer 'DIPHOSPHOMETHYLPHOSPHONIC ACID ADENOSYL ESTER'
3 non-polymer 'CALCIUM ION'
4 non-polymer 2-amino-8-{[2-(3-methylphenyl)-2-oxoethyl]sulfanyl}-1,9-dihydro-6H-purin-6-one
5 non-polymer GLYCEROL
6 water water
#
_entity_poly.entity_id   1
_entity_poly.type   'polypeptide(L)'
_entity_poly.pdbx_seq_one_letter_code
;GSHMTVAYIAIGSNLASPLEQVNAALKALGDIPESHILTVSSFYRTPPLGPQDQPDYLNAAVALETSLAPEELLNHTQRI
ELQQGRVRKAERWGPRTLDLDIMLFGNEVINTERLTVPHYDMKNRGFMLWPLFEIAPELVFPDGEMLRQILHTRAFDKLN
KW
;
_entity_poly.pdbx_strand_id   A
#
# COMPACT_ATOMS: atom_id res chain seq x y z
N MET A 4 -19.51 6.73 1.81
CA MET A 4 -18.17 6.25 2.12
C MET A 4 -17.68 5.25 1.08
N THR A 5 -16.36 5.18 0.94
CA THR A 5 -15.70 4.26 0.03
C THR A 5 -14.62 3.57 0.85
N VAL A 6 -14.28 2.32 0.53
CA VAL A 6 -13.11 1.71 1.16
C VAL A 6 -11.91 1.83 0.21
N ALA A 7 -10.87 2.50 0.68
CA ALA A 7 -9.60 2.59 -0.02
C ALA A 7 -8.66 1.56 0.58
N TYR A 8 -7.79 1.03 -0.25
CA TYR A 8 -6.80 0.07 0.21
C TYR A 8 -5.43 0.65 -0.07
N ILE A 9 -4.62 0.75 0.97
CA ILE A 9 -3.34 1.43 0.92
C ILE A 9 -2.23 0.42 1.23
N ALA A 10 -1.21 0.39 0.36
CA ALA A 10 -0.02 -0.41 0.60
C ALA A 10 0.99 0.41 1.36
N ILE A 11 1.58 -0.21 2.39
CA ILE A 11 2.61 0.43 3.20
C ILE A 11 3.94 -0.27 3.00
N GLY A 12 4.99 0.49 2.73
CA GLY A 12 6.33 -0.05 2.66
C GLY A 12 7.31 0.84 3.39
N SER A 13 8.30 0.23 4.02
CA SER A 13 9.38 0.97 4.65
C SER A 13 10.62 0.09 4.68
N ASN A 14 11.78 0.63 4.33
CA ASN A 14 13.03 -0.11 4.54
C ASN A 14 14.18 0.71 5.10
N LEU A 15 13.86 1.87 5.66
CA LEU A 15 14.85 2.74 6.29
C LEU A 15 14.38 3.23 7.65
N ALA A 16 15.35 3.52 8.52
CA ALA A 16 15.12 4.21 9.78
C ALA A 16 14.11 3.50 10.68
N SER A 17 14.34 2.20 10.88
CA SER A 17 13.51 1.34 11.73
C SER A 17 12.10 1.18 11.18
N PRO A 18 11.95 0.31 10.16
CA PRO A 18 10.67 0.11 9.48
C PRO A 18 9.49 -0.16 10.42
N LEU A 19 9.67 -0.94 11.49
CA LEU A 19 8.57 -1.18 12.42
C LEU A 19 8.07 0.12 13.04
N GLU A 20 8.99 0.97 13.46
CA GLU A 20 8.62 2.27 14.02
C GLU A 20 7.95 3.16 12.98
N GLN A 21 8.46 3.14 11.75
CA GLN A 21 7.87 3.93 10.68
C GLN A 21 6.45 3.49 10.38
N VAL A 22 6.23 2.18 10.31
CA VAL A 22 4.91 1.67 9.98
C VAL A 22 3.90 1.91 11.10
N ASN A 23 4.33 1.71 12.34
CA ASN A 23 3.43 1.99 13.45
C ASN A 23 3.05 3.48 13.50
N ALA A 24 4.04 4.35 13.28
CA ALA A 24 3.75 5.78 13.24
C ALA A 24 2.80 6.12 12.09
N ALA A 25 2.97 5.44 10.95
CA ALA A 25 2.11 5.70 9.80
C ALA A 25 0.68 5.27 10.09
N LEU A 26 0.51 4.16 10.81
CA LEU A 26 -0.83 3.71 11.16
C LEU A 26 -1.53 4.70 12.08
N LYS A 27 -0.79 5.27 13.03
CA LYS A 27 -1.36 6.32 13.87
C LYS A 27 -1.79 7.51 13.00
N ALA A 28 -0.92 7.91 12.08
CA ALA A 28 -1.20 9.05 11.23
C ALA A 28 -2.38 8.80 10.28
N LEU A 29 -2.46 7.59 9.73
CA LEU A 29 -3.61 7.23 8.90
C LEU A 29 -4.92 7.35 9.68
N GLY A 30 -4.92 6.97 10.96
CA GLY A 30 -6.11 7.09 11.78
C GLY A 30 -6.54 8.55 11.92
N ASP A 31 -5.56 9.46 11.89
CA ASP A 31 -5.82 10.89 12.04
C ASP A 31 -6.23 11.61 10.76
N ILE A 32 -6.28 10.88 9.65
CA ILE A 32 -6.80 11.46 8.41
C ILE A 32 -8.29 11.77 8.60
N PRO A 33 -8.73 12.98 8.24
CA PRO A 33 -10.13 13.35 8.43
C PRO A 33 -11.07 12.60 7.48
N GLU A 34 -12.35 12.52 7.87
CA GLU A 34 -13.38 11.85 7.09
C GLU A 34 -13.04 10.39 6.78
N SER A 35 -12.26 9.77 7.64
CA SER A 35 -11.70 8.46 7.34
C SER A 35 -11.55 7.62 8.61
N HIS A 36 -11.64 6.30 8.48
CA HIS A 36 -11.45 5.37 9.58
C HIS A 36 -10.74 4.13 9.08
N ILE A 37 -9.73 3.66 9.82
CA ILE A 37 -9.10 2.39 9.49
C ILE A 37 -10.05 1.25 9.85
N LEU A 38 -10.30 0.37 8.89
CA LEU A 38 -11.13 -0.82 9.13
C LEU A 38 -10.31 -2.07 9.49
N THR A 39 -9.15 -2.20 8.87
CA THR A 39 -8.38 -3.43 8.96
C THR A 39 -6.91 -3.17 8.68
N VAL A 40 -6.04 -3.79 9.48
CA VAL A 40 -4.59 -3.75 9.24
C VAL A 40 -4.11 -5.18 9.05
N SER A 41 -3.33 -5.40 7.99
CA SER A 41 -2.76 -6.71 7.75
C SER A 41 -1.64 -7.04 8.73
N SER A 42 -1.13 -8.27 8.66
CA SER A 42 0.13 -8.59 9.28
C SER A 42 1.26 -7.79 8.64
N PHE A 43 2.40 -7.71 9.33
CA PHE A 43 3.57 -7.08 8.76
C PHE A 43 4.44 -8.17 8.15
N TYR A 44 4.98 -7.91 6.95
CA TYR A 44 5.78 -8.90 6.23
C TYR A 44 7.18 -8.35 5.93
N ARG A 45 8.17 -9.22 6.04
CA ARG A 45 9.53 -8.86 5.68
C ARG A 45 9.84 -9.41 4.30
N THR A 46 10.02 -8.51 3.33
CA THR A 46 10.03 -8.91 1.93
C THR A 46 11.33 -8.48 1.24
N PRO A 47 11.87 -9.36 0.37
CA PRO A 47 13.08 -8.99 -0.37
C PRO A 47 12.76 -7.92 -1.40
N PRO A 48 13.70 -6.99 -1.64
CA PRO A 48 13.38 -5.88 -2.53
C PRO A 48 13.20 -6.29 -3.99
N LEU A 49 12.16 -5.75 -4.61
CA LEU A 49 11.92 -5.86 -6.05
C LEU A 49 12.43 -4.60 -6.72
N GLY A 50 12.97 -4.73 -7.93
CA GLY A 50 13.65 -3.62 -8.57
C GLY A 50 15.12 -3.66 -8.19
N PRO A 51 15.69 -2.52 -7.79
CA PRO A 51 17.07 -2.57 -7.30
C PRO A 51 17.14 -3.38 -6.01
N GLN A 52 18.17 -4.21 -5.90
CA GLN A 52 18.27 -5.13 -4.79
C GLN A 52 19.33 -4.73 -3.76
N ASP A 53 20.07 -3.66 -4.06
CA ASP A 53 21.12 -3.20 -3.15
C ASP A 53 20.53 -2.25 -2.10
N GLN A 54 19.58 -2.77 -1.33
CA GLN A 54 18.92 -2.00 -0.29
C GLN A 54 18.35 -2.99 0.73
N PRO A 55 18.02 -2.53 1.94
CA PRO A 55 17.49 -3.45 2.96
C PRO A 55 16.13 -4.04 2.57
N ASP A 56 15.79 -5.17 3.18
CA ASP A 56 14.45 -5.74 3.04
C ASP A 56 13.39 -4.76 3.52
N TYR A 57 12.20 -4.88 2.93
CA TYR A 57 11.08 -4.02 3.29
C TYR A 57 10.21 -4.64 4.37
N LEU A 58 9.58 -3.77 5.17
CA LEU A 58 8.37 -4.14 5.89
C LEU A 58 7.22 -3.73 4.97
N ASN A 59 6.39 -4.70 4.59
CA ASN A 59 5.17 -4.41 3.82
C ASN A 59 3.92 -4.77 4.57
N ALA A 60 2.89 -3.96 4.37
CA ALA A 60 1.58 -4.21 4.95
C ALA A 60 0.51 -3.59 4.06
N ALA A 61 -0.74 -3.86 4.39
CA ALA A 61 -1.87 -3.23 3.72
C ALA A 61 -2.89 -2.80 4.76
N VAL A 62 -3.62 -1.74 4.46
CA VAL A 62 -4.65 -1.21 5.33
C VAL A 62 -5.89 -0.93 4.51
N ALA A 63 -7.04 -1.24 5.09
CA ALA A 63 -8.34 -0.85 4.56
C ALA A 63 -8.77 0.41 5.30
N LEU A 64 -9.02 1.48 4.54
CA LEU A 64 -9.39 2.77 5.09
C LEU A 64 -10.72 3.21 4.50
N GLU A 65 -11.75 3.26 5.34
CA GLU A 65 -13.04 3.79 4.92
C GLU A 65 -12.97 5.31 4.87
N THR A 66 -13.43 5.93 3.80
CA THR A 66 -13.26 7.38 3.67
C THR A 66 -14.38 8.04 2.88
N SER A 67 -14.66 9.30 3.19
CA SER A 67 -15.55 10.11 2.36
C SER A 67 -14.75 11.21 1.66
N LEU A 68 -13.42 11.15 1.78
CA LEU A 68 -12.56 12.09 1.05
C LEU A 68 -12.60 11.80 -0.44
N ALA A 69 -12.36 12.84 -1.23
CA ALA A 69 -12.07 12.65 -2.65
C ALA A 69 -10.75 11.90 -2.77
N PRO A 70 -10.57 11.11 -3.85
CA PRO A 70 -9.33 10.35 -4.03
C PRO A 70 -8.05 11.20 -3.94
N GLU A 71 -8.03 12.36 -4.60
CA GLU A 71 -6.84 13.21 -4.52
C GLU A 71 -6.66 13.85 -3.14
N GLU A 72 -7.76 14.02 -2.41
CA GLU A 72 -7.67 14.51 -1.03
C GLU A 72 -6.99 13.46 -0.16
N LEU A 73 -7.33 12.18 -0.39
CA LEU A 73 -6.64 11.11 0.33
C LEU A 73 -5.14 11.15 -0.01
N LEU A 74 -4.82 11.29 -1.29
CA LEU A 74 -3.43 11.40 -1.71
C LEU A 74 -2.70 12.55 -1.01
N ASN A 75 -3.38 13.68 -0.87
CA ASN A 75 -2.79 14.81 -0.16
C ASN A 75 -2.30 14.40 1.22
N HIS A 76 -3.14 13.66 1.94
CA HIS A 76 -2.80 13.21 3.27
C HIS A 76 -1.71 12.15 3.29
N THR A 77 -1.77 11.18 2.36
CA THR A 77 -0.72 10.15 2.35
C THR A 77 0.65 10.74 2.02
N GLN A 78 0.71 11.67 1.07
CA GLN A 78 1.97 12.36 0.76
C GLN A 78 2.47 13.18 1.95
N ARG A 79 1.55 13.87 2.63
CA ARG A 79 1.93 14.64 3.81
C ARG A 79 2.56 13.73 4.84
N ILE A 80 1.96 12.58 5.10
CA ILE A 80 2.48 11.66 6.10
C ILE A 80 3.88 11.15 5.72
N GLU A 81 4.06 10.76 4.46
CA GLU A 81 5.39 10.36 3.99
C GLU A 81 6.43 11.45 4.22
N LEU A 82 6.11 12.68 3.83
CA LEU A 82 7.02 13.79 4.02
C LEU A 82 7.30 14.09 5.49
N GLN A 83 6.28 14.00 6.32
CA GLN A 83 6.45 14.26 7.76
C GLN A 83 7.25 13.15 8.44
N GLN A 84 7.33 11.97 7.81
CA GLN A 84 8.14 10.87 8.32
C GLN A 84 9.49 10.80 7.63
N GLY A 85 9.89 11.94 7.05
CA GLY A 85 11.26 12.10 6.62
C GLY A 85 11.59 11.52 5.27
N ARG A 86 10.56 11.22 4.48
CA ARG A 86 10.80 10.77 3.11
C ARG A 86 11.50 11.85 2.30
N VAL A 87 12.67 11.48 1.77
CA VAL A 87 13.48 12.38 0.97
C VAL A 87 13.64 11.80 -0.44
N ARG A 88 13.47 12.64 -1.45
CA ARG A 88 13.59 12.20 -2.83
C ARG A 88 15.05 12.17 -3.27
N LYS A 89 15.53 10.99 -3.62
CA LYS A 89 16.86 10.85 -4.21
C LYS A 89 16.71 10.53 -5.70
N ALA A 90 17.81 10.57 -6.44
CA ALA A 90 17.75 10.39 -7.89
C ALA A 90 17.53 8.94 -8.33
N GLU A 91 18.02 7.98 -7.55
CA GLU A 91 17.85 6.58 -7.94
C GLU A 91 16.38 6.16 -8.00
N ARG A 92 16.01 5.60 -9.14
CA ARG A 92 14.69 5.04 -9.31
C ARG A 92 14.45 3.88 -8.34
N TRP A 93 13.30 3.88 -7.67
CA TRP A 93 12.92 2.79 -6.76
C TRP A 93 13.93 2.55 -5.65
N GLY A 94 14.52 3.63 -5.15
CA GLY A 94 15.47 3.53 -4.05
C GLY A 94 14.78 3.37 -2.71
N PRO A 95 15.58 3.13 -1.66
CA PRO A 95 15.02 2.91 -0.33
C PRO A 95 14.31 4.14 0.22
N ARG A 96 13.40 3.93 1.15
CA ARG A 96 12.67 5.06 1.73
C ARG A 96 12.14 4.74 3.13
N THR A 97 11.99 5.80 3.92
CA THR A 97 11.42 5.65 5.26
C THR A 97 9.97 5.20 5.24
N LEU A 98 9.21 5.68 4.25
CA LEU A 98 7.79 5.34 4.16
C LEU A 98 7.26 5.53 2.75
N ASP A 99 6.52 4.54 2.28
CA ASP A 99 5.83 4.61 0.99
C ASP A 99 4.38 4.24 1.24
N LEU A 100 3.47 5.14 0.89
CA LEU A 100 2.03 4.89 1.00
C LEU A 100 1.43 4.96 -0.40
N ASP A 101 1.18 3.79 -0.98
CA ASP A 101 0.60 3.72 -2.32
C ASP A 101 -0.89 3.44 -2.20
N ILE A 102 -1.71 4.23 -2.89
CA ILE A 102 -3.13 3.94 -2.94
C ILE A 102 -3.36 2.84 -3.97
N MET A 103 -3.67 1.64 -3.50
CA MET A 103 -3.86 0.52 -4.42
C MET A 103 -5.21 0.60 -5.13
N LEU A 104 -6.25 0.82 -4.34
CA LEU A 104 -7.62 0.81 -4.81
C LEU A 104 -8.41 1.88 -4.06
N PHE A 105 -9.39 2.47 -4.75
CA PHE A 105 -10.29 3.43 -4.14
C PHE A 105 -11.69 2.97 -4.52
N GLY A 106 -12.27 2.10 -3.69
CA GLY A 106 -13.48 1.40 -4.06
C GLY A 106 -13.31 0.71 -5.40
N ASN A 107 -14.35 0.80 -6.23
CA ASN A 107 -14.29 0.25 -7.58
C ASN A 107 -13.90 1.31 -8.60
N GLU A 108 -13.39 2.45 -8.13
CA GLU A 108 -13.11 3.57 -9.03
C GLU A 108 -11.85 3.38 -9.87
N VAL A 109 -11.91 3.90 -11.09
CA VAL A 109 -10.75 3.99 -11.97
C VAL A 109 -10.42 5.46 -12.11
N ILE A 110 -9.25 5.83 -11.63
CA ILE A 110 -8.86 7.23 -11.57
C ILE A 110 -7.59 7.45 -12.37
N ASN A 111 -7.63 8.45 -13.25
CA ASN A 111 -6.46 8.83 -14.03
C ASN A 111 -6.36 10.35 -14.05
N THR A 112 -5.70 10.91 -13.05
CA THR A 112 -5.46 12.35 -13.01
C THR A 112 -3.96 12.59 -13.13
N GLU A 113 -3.53 13.85 -13.11
CA GLU A 113 -2.11 14.14 -13.20
C GLU A 113 -1.34 13.58 -12.00
N ARG A 114 -1.96 13.55 -10.83
CA ARG A 114 -1.26 13.14 -9.61
C ARG A 114 -1.55 11.69 -9.19
N LEU A 115 -2.61 11.10 -9.73
CA LEU A 115 -3.13 9.86 -9.16
C LEU A 115 -3.62 8.88 -10.23
N THR A 116 -3.10 7.65 -10.18
CA THR A 116 -3.54 6.56 -11.04
C THR A 116 -3.96 5.37 -10.17
N VAL A 117 -5.24 5.02 -10.23
CA VAL A 117 -5.81 3.95 -9.44
C VAL A 117 -6.71 3.11 -10.34
N PRO A 118 -6.62 1.76 -10.27
CA PRO A 118 -5.74 0.94 -9.42
C PRO A 118 -4.27 1.21 -9.64
N HIS A 119 -3.47 0.99 -8.61
CA HIS A 119 -2.02 1.12 -8.76
C HIS A 119 -1.60 0.30 -9.98
N TYR A 120 -0.78 0.92 -10.84
CA TYR A 120 -0.53 0.40 -12.19
C TYR A 120 0.11 -0.99 -12.22
N ASP A 121 0.80 -1.37 -11.14
CA ASP A 121 1.55 -2.63 -11.16
C ASP A 121 1.18 -3.60 -10.04
N MET A 122 0.14 -3.29 -9.27
CA MET A 122 -0.15 -4.08 -8.09
C MET A 122 -0.45 -5.55 -8.38
N LYS A 123 -1.02 -5.83 -9.55
CA LYS A 123 -1.39 -7.21 -9.88
C LYS A 123 -0.16 -8.08 -10.17
N ASN A 124 1.02 -7.46 -10.17
CA ASN A 124 2.27 -8.18 -10.40
C ASN A 124 3.19 -8.19 -9.18
N ARG A 125 2.68 -7.78 -8.02
CA ARG A 125 3.52 -7.61 -6.84
C ARG A 125 2.96 -8.37 -5.66
N GLY A 126 3.60 -9.48 -5.30
CA GLY A 126 3.15 -10.29 -4.19
C GLY A 126 3.10 -9.53 -2.88
N PHE A 127 4.04 -8.59 -2.71
CA PHE A 127 4.11 -7.84 -1.47
C PHE A 127 2.94 -6.87 -1.30
N MET A 128 2.20 -6.62 -2.39
CA MET A 128 0.92 -5.90 -2.32
C MET A 128 -0.27 -6.85 -2.23
N LEU A 129 -0.27 -7.87 -3.08
CA LEU A 129 -1.44 -8.75 -3.16
C LEU A 129 -1.66 -9.64 -1.93
N TRP A 130 -0.59 -10.19 -1.36
CA TRP A 130 -0.78 -11.09 -0.22
C TRP A 130 -1.33 -10.37 1.02
N PRO A 131 -0.76 -9.21 1.39
CA PRO A 131 -1.36 -8.51 2.54
C PRO A 131 -2.79 -8.04 2.26
N LEU A 132 -3.06 -7.69 1.00
CA LEU A 132 -4.40 -7.30 0.61
C LEU A 132 -5.38 -8.47 0.77
N PHE A 133 -4.96 -9.65 0.34
CA PHE A 133 -5.80 -10.85 0.48
C PHE A 133 -6.07 -11.18 1.94
N GLU A 134 -5.10 -10.93 2.81
CA GLU A 134 -5.27 -11.19 4.23
C GLU A 134 -6.42 -10.35 4.80
N ILE A 135 -6.54 -9.11 4.34
CA ILE A 135 -7.55 -8.21 4.90
C ILE A 135 -8.84 -8.15 4.09
N ALA A 136 -8.79 -8.60 2.83
CA ALA A 136 -9.95 -8.53 1.95
C ALA A 136 -9.96 -9.71 0.98
N PRO A 137 -10.18 -10.93 1.50
CA PRO A 137 -10.08 -12.12 0.65
C PRO A 137 -11.13 -12.18 -0.45
N GLU A 138 -12.24 -11.44 -0.29
CA GLU A 138 -13.31 -11.43 -1.27
C GLU A 138 -13.17 -10.35 -2.35
N LEU A 139 -12.05 -9.65 -2.34
CA LEU A 139 -11.90 -8.47 -3.19
C LEU A 139 -12.03 -8.78 -4.68
N VAL A 140 -12.77 -7.91 -5.37
CA VAL A 140 -12.89 -7.92 -6.81
C VAL A 140 -12.39 -6.57 -7.32
N PHE A 141 -11.54 -6.60 -8.34
CA PHE A 141 -10.99 -5.39 -8.96
C PHE A 141 -12.02 -4.70 -9.84
N PRO A 142 -11.77 -3.43 -10.21
CA PRO A 142 -12.73 -2.72 -11.08
C PRO A 142 -12.98 -3.42 -12.42
N ASP A 143 -12.01 -4.17 -12.93
CA ASP A 143 -12.17 -4.90 -14.19
C ASP A 143 -12.81 -6.27 -14.00
N GLY A 144 -13.29 -6.56 -12.80
CA GLY A 144 -13.97 -7.83 -12.54
C GLY A 144 -13.06 -8.96 -12.09
N GLU A 145 -11.75 -8.77 -12.19
CA GLU A 145 -10.85 -9.85 -11.79
C GLU A 145 -10.90 -10.06 -10.28
N MET A 146 -10.90 -11.31 -9.86
CA MET A 146 -10.91 -11.63 -8.44
C MET A 146 -9.51 -11.78 -7.87
N LEU A 147 -9.28 -11.15 -6.73
CA LEU A 147 -7.99 -11.26 -6.07
C LEU A 147 -7.63 -12.71 -5.78
N ARG A 148 -8.61 -13.50 -5.33
CA ARG A 148 -8.37 -14.91 -5.04
CA ARG A 148 -8.34 -14.89 -5.02
C ARG A 148 -7.91 -15.67 -6.28
N GLN A 149 -8.45 -15.31 -7.44
CA GLN A 149 -8.13 -16.03 -8.66
C GLN A 149 -6.71 -15.68 -9.14
N ILE A 150 -6.32 -14.42 -9.02
CA ILE A 150 -4.95 -14.02 -9.32
C ILE A 150 -3.96 -14.80 -8.47
N LEU A 151 -4.22 -14.88 -7.17
CA LEU A 151 -3.30 -15.55 -6.27
C LEU A 151 -3.33 -17.07 -6.42
N HIS A 152 -4.44 -17.59 -6.93
CA HIS A 152 -4.53 -19.02 -7.17
C HIS A 152 -3.73 -19.42 -8.42
N THR A 153 -3.78 -18.56 -9.44
CA THR A 153 -3.26 -18.88 -10.77
C THR A 153 -1.79 -18.49 -10.97
N ARG A 154 -1.40 -17.34 -10.45
CA ARG A 154 -0.09 -16.79 -10.76
C ARG A 154 0.97 -17.12 -9.72
N ALA A 155 2.19 -17.36 -10.20
CA ALA A 155 3.29 -17.67 -9.32
C ALA A 155 3.77 -16.42 -8.60
N PHE A 156 3.59 -16.42 -7.28
CA PHE A 156 4.17 -15.41 -6.42
C PHE A 156 4.85 -16.19 -5.30
N ASP A 157 5.98 -15.68 -4.82
CA ASP A 157 6.60 -16.27 -3.66
C ASP A 157 5.74 -16.02 -2.43
N LYS A 158 5.74 -16.96 -1.50
CA LYS A 158 5.06 -16.79 -0.22
C LYS A 158 5.77 -15.68 0.54
N LEU A 159 5.01 -14.88 1.28
CA LEU A 159 5.58 -13.84 2.12
C LEU A 159 5.86 -14.38 3.50
N ASN A 160 6.95 -13.92 4.09
CA ASN A 160 7.25 -14.26 5.46
C ASN A 160 6.89 -13.09 6.36
N LYS A 161 6.31 -13.39 7.51
CA LYS A 161 5.94 -12.33 8.44
C LYS A 161 7.18 -11.72 9.10
N TRP A 162 7.09 -10.42 9.38
CA TRP A 162 8.16 -9.65 9.99
C TRP A 162 8.53 -10.24 11.35
#